data_3GSV
#
_entry.id   3GSV
#
_cell.length_a   54.471
_cell.length_b   81.312
_cell.length_c   57.918
_cell.angle_alpha   90.000
_cell.angle_beta   114.330
_cell.angle_gamma   90.000
#
_symmetry.space_group_name_H-M   'P 1 21 1'
#
loop_
_entity.id
_entity.type
_entity.pdbx_description
1 polymer 'HLA class I histocompatibility antigen, A-2 alpha chain'
2 polymer Beta-2-microglobulin
3 polymer 'HCMV pp65 fragment 495-503, variant M5Q (NLVPQVATV)'
4 water water
#
loop_
_entity_poly.entity_id
_entity_poly.type
_entity_poly.pdbx_seq_one_letter_code
_entity_poly.pdbx_strand_id
1 'polypeptide(L)'
;GSHSMRYFFTSVSRPGRGEPRFIAVGYVDDTQFVRFDSDAASQRMEPRAPWIEQEGPEYWDGETRKVKAHSQTHRVDLGT
LRGYYNQSEAGSHTVQRMYGCDVGSDWRFLRGYHQYAYDGKDYIALKEDLRSWTAADMAAQTTKHKWEAAHVAEQLRAYL
EGTCVEWLRRYLENGKETLQRTDAPKTHMTHHAVSDHEATLRCWALSFYPAEITLTWQRDGEDQTQDTELVETRPAGDGT
FQKWVAVVVPSGQEQRYTCHVQHEGLPKPLTLRWE
;
A
2 'polypeptide(L)'
;MIQRTPKIQVYSRHPAENGKSNFLNCYVSGFHPSDIEVDLLKNGERIEKVEHSDLSFSKDWSFYLLYYTEFTPTEKDEYA
CRVNHVTLSQPKIVKWDRDM
;
B
3 'polypeptide(L)' NLVPQVATV P
#
# COMPACT_ATOMS: atom_id res chain seq x y z
N GLY A 1 -15.27 15.07 -1.55
CA GLY A 1 -15.76 13.68 -1.83
C GLY A 1 -15.62 12.81 -0.59
N SER A 2 -15.47 11.50 -0.81
CA SER A 2 -15.48 10.54 0.29
C SER A 2 -14.12 10.45 1.01
N HIS A 3 -14.12 9.90 2.21
CA HIS A 3 -12.88 9.72 2.97
C HIS A 3 -12.88 8.37 3.71
N SER A 4 -11.72 7.94 4.19
CA SER A 4 -11.62 6.67 4.91
C SER A 4 -10.57 6.73 6.02
N MET A 5 -10.78 5.93 7.06
CA MET A 5 -9.73 5.59 8.01
C MET A 5 -9.58 4.07 8.01
N ARG A 6 -8.34 3.60 7.86
CA ARG A 6 -8.05 2.17 7.79
C ARG A 6 -6.81 1.84 8.62
N TYR A 7 -6.87 0.74 9.37
CA TYR A 7 -5.69 0.20 10.07
C TYR A 7 -5.31 -1.16 9.48
N PHE A 8 -4.00 -1.41 9.37
CA PHE A 8 -3.46 -2.67 8.81
C PHE A 8 -2.47 -3.24 9.81
N PHE A 9 -2.58 -4.54 10.04
CA PHE A 9 -1.78 -5.24 11.07
C PHE A 9 -1.26 -6.55 10.50
N THR A 10 0.04 -6.79 10.67
CA THR A 10 0.69 -8.04 10.23
C THR A 10 1.53 -8.60 11.36
N SER A 11 1.29 -9.86 11.73
CA SER A 11 2.19 -10.58 12.64
C SER A 11 2.80 -11.79 11.93
N VAL A 12 4.10 -12.00 12.14
CA VAL A 12 4.81 -13.13 11.54
C VAL A 12 5.54 -13.91 12.64
N SER A 13 5.14 -15.17 12.86
CA SER A 13 5.77 -15.99 13.90
C SER A 13 7.25 -16.28 13.64
N ARG A 14 8.02 -16.37 14.73
CA ARG A 14 9.45 -16.62 14.68
C ARG A 14 9.76 -17.91 15.44
N PRO A 15 9.73 -19.05 14.73
CA PRO A 15 10.02 -20.36 15.34
C PRO A 15 11.43 -20.38 15.93
N GLY A 16 11.58 -20.96 17.10
CA GLY A 16 12.92 -21.13 17.64
C GLY A 16 13.21 -20.25 18.83
N ARG A 17 12.72 -19.01 18.81
CA ARG A 17 12.82 -18.13 19.98
C ARG A 17 11.95 -16.88 19.92
N GLY A 18 11.16 -16.67 20.98
CA GLY A 18 10.52 -15.38 21.23
C GLY A 18 9.18 -15.20 20.55
N GLU A 19 8.66 -13.97 20.62
CA GLU A 19 7.35 -13.59 20.09
C GLU A 19 7.40 -13.22 18.60
N PRO A 20 6.23 -13.17 17.93
CA PRO A 20 6.14 -12.82 16.51
C PRO A 20 6.59 -11.38 16.24
N ARG A 21 6.99 -11.10 15.00
CA ARG A 21 7.22 -9.74 14.54
C ARG A 21 5.84 -9.10 14.29
N PHE A 22 5.56 -7.96 14.90
CA PHE A 22 4.28 -7.30 14.75
C PHE A 22 4.44 -5.85 14.21
N ILE A 23 3.70 -5.52 13.16
CA ILE A 23 3.77 -4.18 12.53
C ILE A 23 2.35 -3.66 12.30
N ALA A 24 2.03 -2.49 12.86
CA ALA A 24 0.75 -1.85 12.69
C ALA A 24 0.88 -0.48 12.01
N VAL A 25 -0.01 -0.20 11.06
CA VAL A 25 -0.02 1.11 10.39
C VAL A 25 -1.44 1.64 10.25
N GLY A 26 -1.60 2.94 10.41
CA GLY A 26 -2.90 3.61 10.29
C GLY A 26 -2.87 4.66 9.19
N TYR A 27 -3.96 4.71 8.41
CA TYR A 27 -4.09 5.65 7.30
C TYR A 27 -5.38 6.47 7.41
N VAL A 28 -5.31 7.73 7.02
CA VAL A 28 -6.51 8.48 6.61
C VAL A 28 -6.39 8.67 5.10
N ASP A 29 -7.36 8.16 4.34
CA ASP A 29 -7.27 8.15 2.88
C ASP A 29 -5.94 7.53 2.47
N ASP A 30 -5.15 8.21 1.64
CA ASP A 30 -3.85 7.67 1.24
C ASP A 30 -2.68 8.17 2.09
N THR A 31 -2.95 8.69 3.29
CA THR A 31 -1.87 9.29 4.09
C THR A 31 -1.63 8.46 5.35
N GLN A 32 -0.41 7.92 5.52
CA GLN A 32 -0.08 7.22 6.77
C GLN A 32 0.06 8.23 7.90
N PHE A 33 -0.52 7.92 9.06
CA PHE A 33 -0.46 8.85 10.21
C PHE A 33 0.10 8.30 11.52
N VAL A 34 0.05 6.98 11.70
CA VAL A 34 0.68 6.30 12.84
C VAL A 34 1.36 4.97 12.45
N ARG A 35 2.26 4.51 13.31
CA ARG A 35 2.86 3.18 13.16
C ARG A 35 3.28 2.61 14.52
N PHE A 36 3.31 1.29 14.60
CA PHE A 36 3.97 0.58 15.70
C PHE A 36 4.72 -0.59 15.07
N ASP A 37 5.97 -0.76 15.48
CA ASP A 37 6.78 -1.90 15.04
C ASP A 37 7.38 -2.53 16.30
N SER A 38 7.11 -3.81 16.52
CA SER A 38 7.63 -4.52 17.69
C SER A 38 9.17 -4.60 17.72
N ASP A 39 9.84 -4.43 16.58
CA ASP A 39 11.30 -4.45 16.56
C ASP A 39 11.95 -3.10 16.90
N ALA A 40 11.15 -2.04 16.94
CA ALA A 40 11.66 -0.69 17.22
C ALA A 40 11.88 -0.46 18.72
N ALA A 41 12.73 0.51 19.06
CA ALA A 41 13.16 0.72 20.45
C ALA A 41 12.08 1.26 21.38
N SER A 42 11.21 2.13 20.87
CA SER A 42 10.29 2.89 21.73
C SER A 42 9.18 2.06 22.41
N GLN A 43 8.75 0.99 21.74
CA GLN A 43 7.58 0.23 22.17
C GLN A 43 6.37 1.16 22.43
N ARG A 44 6.25 2.18 21.57
CA ARG A 44 5.12 3.12 21.59
C ARG A 44 4.53 3.27 20.19
N MET A 45 3.25 3.60 20.13
CA MET A 45 2.64 4.10 18.88
C MET A 45 3.31 5.43 18.55
N GLU A 46 3.74 5.59 17.29
CA GLU A 46 4.52 6.74 16.84
C GLU A 46 3.76 7.54 15.78
N PRO A 47 3.87 8.89 15.84
CA PRO A 47 3.30 9.75 14.80
C PRO A 47 4.03 9.63 13.45
N ARG A 48 3.26 9.67 12.35
CA ARG A 48 3.82 9.66 11.00
C ARG A 48 3.29 10.80 10.10
N ALA A 49 2.47 11.67 10.68
CA ALA A 49 1.98 12.90 10.02
C ALA A 49 2.02 14.05 11.02
N PRO A 50 2.36 15.28 10.57
CA PRO A 50 2.44 16.40 11.52
C PRO A 50 1.13 16.71 12.26
N TRP A 51 -0.02 16.56 11.58
CA TRP A 51 -1.33 16.86 12.21
C TRP A 51 -1.76 15.96 13.38
N ILE A 52 -1.18 14.77 13.49
CA ILE A 52 -1.51 13.89 14.61
C ILE A 52 -0.70 14.25 15.87
N GLU A 53 0.37 15.03 15.69
CA GLU A 53 1.20 15.51 16.80
C GLU A 53 0.43 16.48 17.72
N GLN A 54 -0.72 16.96 17.23
CA GLN A 54 -1.64 17.81 18.00
C GLN A 54 -2.23 17.06 19.21
N GLU A 55 -2.27 15.73 19.11
CA GLU A 55 -2.86 14.90 20.15
C GLU A 55 -1.96 14.83 21.36
N GLY A 56 -2.57 14.83 22.55
CA GLY A 56 -1.81 14.88 23.81
C GLY A 56 -1.32 13.52 24.29
N PRO A 57 -0.64 13.50 25.46
CA PRO A 57 -0.04 12.29 26.04
C PRO A 57 -1.04 11.18 26.30
N GLU A 58 -2.26 11.54 26.69
CA GLU A 58 -3.30 10.54 26.96
C GLU A 58 -3.64 9.75 25.69
N TYR A 59 -3.69 10.43 24.54
CA TYR A 59 -3.92 9.76 23.26
C TYR A 59 -2.81 8.75 22.98
N TRP A 60 -1.56 9.19 23.13
CA TRP A 60 -0.42 8.31 22.85
C TRP A 60 -0.29 7.13 23.81
N ASP A 61 -0.62 7.35 25.10
CA ASP A 61 -0.68 6.26 26.07
C ASP A 61 -1.78 5.27 25.73
N GLY A 62 -2.97 5.77 25.39
CA GLY A 62 -4.13 4.94 25.03
C GLY A 62 -3.96 4.13 23.75
N GLU A 63 -3.42 4.75 22.70
CA GLU A 63 -3.12 4.04 21.45
C GLU A 63 -2.03 2.99 21.65
N THR A 64 -1.02 3.32 22.45
CA THR A 64 0.01 2.34 22.78
C THR A 64 -0.56 1.09 23.51
N ARG A 65 -1.34 1.29 24.56
CA ARG A 65 -1.99 0.19 25.27
C ARG A 65 -2.83 -0.66 24.32
N LYS A 66 -3.65 -0.02 23.48
CA LYS A 66 -4.49 -0.74 22.51
C LYS A 66 -3.68 -1.51 21.45
N VAL A 67 -2.65 -0.89 20.90
CA VAL A 67 -1.85 -1.56 19.86
C VAL A 67 -1.10 -2.80 20.40
N LYS A 68 -0.64 -2.72 21.66
CA LYS A 68 -0.04 -3.89 22.33
C LYS A 68 -1.04 -5.01 22.59
N ALA A 69 -2.28 -4.64 22.95
CA ALA A 69 -3.39 -5.58 23.07
C ALA A 69 -3.70 -6.27 21.74
N HIS A 70 -3.60 -5.51 20.64
CA HIS A 70 -3.79 -6.04 19.30
C HIS A 70 -2.71 -7.10 19.07
N SER A 71 -1.46 -6.75 19.43
CA SER A 71 -0.31 -7.61 19.24
C SER A 71 -0.43 -8.94 20.01
N GLN A 72 -0.96 -8.86 21.23
CA GLN A 72 -1.13 -10.08 22.03
C GLN A 72 -2.22 -11.02 21.50
N THR A 73 -3.31 -10.45 20.96
CA THR A 73 -4.34 -11.26 20.28
C THR A 73 -3.76 -12.02 19.09
N HIS A 74 -2.97 -11.34 18.26
CA HIS A 74 -2.30 -11.95 17.12
C HIS A 74 -1.34 -13.09 17.53
N ARG A 75 -0.55 -12.86 18.58
CA ARG A 75 0.32 -13.92 19.15
C ARG A 75 -0.48 -15.18 19.51
N VAL A 76 -1.58 -14.99 20.25
CA VAL A 76 -2.47 -16.10 20.61
C VAL A 76 -3.09 -16.77 19.37
N ASP A 77 -3.59 -15.96 18.44
CA ASP A 77 -4.16 -16.43 17.17
C ASP A 77 -3.20 -17.35 16.39
N LEU A 78 -1.94 -16.94 16.28
CA LEU A 78 -0.95 -17.77 15.61
C LEU A 78 -0.82 -19.17 16.22
N GLY A 79 -0.91 -19.28 17.54
CA GLY A 79 -0.88 -20.58 18.23
C GLY A 79 -2.14 -21.39 17.98
N THR A 80 -3.29 -20.73 18.11
CA THR A 80 -4.58 -21.37 17.87
C THR A 80 -4.72 -21.92 16.43
N LEU A 81 -4.31 -21.11 15.45
CA LEU A 81 -4.42 -21.48 14.04
C LEU A 81 -3.48 -22.64 13.64
N ARG A 82 -2.31 -22.67 14.26
CA ARG A 82 -1.39 -23.79 14.11
C ARG A 82 -2.08 -25.08 14.59
N GLY A 83 -2.84 -24.96 15.66
CA GLY A 83 -3.64 -26.07 16.17
C GLY A 83 -4.78 -26.46 15.24
N TYR A 84 -5.55 -25.47 14.79
CA TYR A 84 -6.70 -25.69 13.90
C TYR A 84 -6.30 -26.40 12.60
N TYR A 85 -5.12 -26.09 12.09
CA TYR A 85 -4.66 -26.60 10.80
C TYR A 85 -3.64 -27.74 10.93
N ASN A 86 -3.49 -28.24 12.15
CA ASN A 86 -2.54 -29.33 12.49
C ASN A 86 -1.16 -29.14 11.86
N GLN A 87 -0.59 -27.95 12.06
CA GLN A 87 0.72 -27.61 11.54
C GLN A 87 1.78 -27.73 12.65
N SER A 88 3.03 -27.92 12.24
CA SER A 88 4.14 -28.08 13.20
C SER A 88 4.67 -26.73 13.71
N GLU A 89 5.60 -26.78 14.68
CA GLU A 89 6.24 -25.58 15.22
C GLU A 89 7.41 -25.07 14.37
N ALA A 90 7.76 -25.82 13.33
CA ALA A 90 8.95 -25.52 12.53
C ALA A 90 8.83 -24.30 11.61
N GLY A 91 7.69 -24.15 10.95
CA GLY A 91 7.53 -23.11 9.95
C GLY A 91 7.04 -21.76 10.47
N SER A 92 7.33 -20.73 9.69
CA SER A 92 6.86 -19.38 9.99
C SER A 92 5.48 -19.20 9.38
N HIS A 93 4.56 -18.58 10.11
CA HIS A 93 3.21 -18.33 9.61
C HIS A 93 2.82 -16.86 9.80
N THR A 94 1.76 -16.43 9.11
CA THR A 94 1.37 -15.02 9.06
C THR A 94 -0.13 -14.86 9.35
N VAL A 95 -0.47 -13.86 10.16
CA VAL A 95 -1.84 -13.34 10.25
C VAL A 95 -1.85 -11.87 9.80
N GLN A 96 -2.93 -11.49 9.10
CA GLN A 96 -3.14 -10.12 8.62
C GLN A 96 -4.57 -9.70 8.96
N ARG A 97 -4.71 -8.49 9.49
CA ARG A 97 -6.01 -7.90 9.84
C ARG A 97 -6.13 -6.49 9.25
N MET A 98 -7.31 -6.19 8.70
CA MET A 98 -7.57 -4.83 8.24
C MET A 98 -8.96 -4.47 8.70
N TYR A 99 -9.09 -3.27 9.27
CA TYR A 99 -10.39 -2.69 9.59
C TYR A 99 -10.42 -1.18 9.41
N GLY A 100 -11.64 -0.65 9.29
CA GLY A 100 -11.82 0.79 9.15
C GLY A 100 -13.22 1.15 8.66
N CYS A 101 -13.41 2.44 8.41
CA CYS A 101 -14.71 2.96 7.99
C CYS A 101 -14.55 3.94 6.82
N ASP A 102 -15.58 4.00 5.97
CA ASP A 102 -15.71 5.04 4.93
C ASP A 102 -16.84 6.03 5.28
N VAL A 103 -16.66 7.29 4.89
CA VAL A 103 -17.69 8.33 4.97
C VAL A 103 -17.80 8.98 3.59
N GLY A 104 -18.98 9.51 3.25
CA GLY A 104 -19.19 10.14 1.96
C GLY A 104 -18.84 11.61 2.00
N SER A 105 -19.30 12.35 0.99
CA SER A 105 -19.03 13.79 0.89
C SER A 105 -19.58 14.60 2.07
N ASP A 106 -20.64 14.09 2.70
CA ASP A 106 -21.25 14.70 3.88
C ASP A 106 -20.59 14.27 5.20
N TRP A 107 -19.51 13.49 5.10
CA TRP A 107 -18.75 12.99 6.26
C TRP A 107 -19.59 12.15 7.24
N ARG A 108 -20.67 11.56 6.74
CA ARG A 108 -21.47 10.61 7.52
C ARG A 108 -21.08 9.18 7.16
N PHE A 109 -21.21 8.28 8.13
CA PHE A 109 -20.95 6.85 7.92
C PHE A 109 -21.54 6.30 6.63
N LEU A 110 -20.71 5.59 5.89
CA LEU A 110 -21.13 4.93 4.65
C LEU A 110 -20.94 3.42 4.70
N ARG A 111 -19.76 2.99 5.10
CA ARG A 111 -19.41 1.57 5.11
CA ARG A 111 -19.38 1.58 5.07
C ARG A 111 -18.39 1.29 6.21
N GLY A 112 -18.45 0.08 6.77
CA GLY A 112 -17.46 -0.39 7.74
C GLY A 112 -16.94 -1.75 7.32
N TYR A 113 -15.77 -2.15 7.82
CA TYR A 113 -15.18 -3.43 7.42
C TYR A 113 -14.16 -3.94 8.43
N HIS A 114 -14.01 -5.25 8.45
CA HIS A 114 -13.09 -5.91 9.38
C HIS A 114 -12.80 -7.28 8.80
N GLN A 115 -11.59 -7.48 8.26
CA GLN A 115 -11.24 -8.77 7.69
C GLN A 115 -9.90 -9.29 8.18
N TYR A 116 -9.75 -10.62 8.10
CA TYR A 116 -8.65 -11.37 8.70
C TYR A 116 -8.23 -12.49 7.75
N ALA A 117 -6.91 -12.66 7.59
CA ALA A 117 -6.31 -13.68 6.73
C ALA A 117 -5.22 -14.45 7.46
N TYR A 118 -5.08 -15.73 7.13
CA TYR A 118 -4.03 -16.59 7.70
C TYR A 118 -3.27 -17.14 6.53
N ASP A 119 -1.96 -16.96 6.58
CA ASP A 119 -1.04 -17.30 5.48
C ASP A 119 -1.51 -16.78 4.11
N GLY A 120 -2.01 -15.54 4.10
CA GLY A 120 -2.42 -14.85 2.89
C GLY A 120 -3.73 -15.25 2.25
N LYS A 121 -4.50 -16.09 2.93
CA LYS A 121 -5.80 -16.58 2.45
C LYS A 121 -6.91 -16.06 3.38
N ASP A 122 -8.05 -15.67 2.80
CA ASP A 122 -9.25 -15.29 3.58
C ASP A 122 -9.47 -16.27 4.72
N TYR A 123 -9.70 -15.75 5.93
CA TYR A 123 -10.06 -16.60 7.06
C TYR A 123 -11.49 -16.26 7.52
N ILE A 124 -11.67 -15.06 8.05
CA ILE A 124 -13.01 -14.60 8.46
C ILE A 124 -13.16 -13.08 8.26
N ALA A 125 -14.36 -12.65 7.88
CA ALA A 125 -14.64 -11.23 7.61
C ALA A 125 -16.04 -10.87 8.05
N LEU A 126 -16.19 -9.64 8.54
CA LEU A 126 -17.50 -9.11 8.88
C LEU A 126 -18.21 -8.81 7.57
N LYS A 127 -19.49 -9.13 7.48
CA LYS A 127 -20.27 -8.80 6.29
C LYS A 127 -20.60 -7.30 6.27
N GLU A 128 -21.00 -6.82 5.10
CA GLU A 128 -21.33 -5.42 4.85
C GLU A 128 -22.35 -4.83 5.84
N ASP A 129 -23.33 -5.65 6.27
CA ASP A 129 -24.33 -5.21 7.24
C ASP A 129 -23.78 -5.04 8.67
N LEU A 130 -22.56 -5.53 8.91
CA LEU A 130 -21.90 -5.50 10.23
C LEU A 130 -22.66 -6.30 11.28
N ARG A 131 -23.41 -7.30 10.83
CA ARG A 131 -24.21 -8.12 11.74
C ARG A 131 -23.78 -9.58 11.80
N SER A 132 -23.09 -10.04 10.75
CA SER A 132 -22.70 -11.44 10.65
C SER A 132 -21.34 -11.62 9.97
N TRP A 133 -20.92 -12.88 9.81
CA TRP A 133 -19.56 -13.23 9.45
C TRP A 133 -19.49 -14.13 8.21
N THR A 134 -18.45 -13.95 7.40
CA THR A 134 -18.12 -14.87 6.31
C THR A 134 -16.93 -15.72 6.75
N ALA A 135 -17.16 -17.03 6.90
CA ALA A 135 -16.12 -17.97 7.32
C ALA A 135 -15.76 -18.82 6.12
N ALA A 136 -14.47 -18.84 5.77
CA ALA A 136 -14.00 -19.49 4.53
C ALA A 136 -13.99 -21.02 4.57
N ASP A 137 -13.66 -21.59 5.74
CA ASP A 137 -13.53 -23.04 5.91
C ASP A 137 -14.05 -23.46 7.30
N MET A 138 -13.83 -24.72 7.68
CA MET A 138 -14.37 -25.23 8.95
C MET A 138 -13.66 -24.67 10.19
N ALA A 139 -12.38 -24.35 10.08
CA ALA A 139 -11.68 -23.62 11.15
C ALA A 139 -12.34 -22.26 11.40
N ALA A 140 -12.50 -21.47 10.34
CA ALA A 140 -13.14 -20.16 10.47
C ALA A 140 -14.57 -20.28 11.00
N GLN A 141 -15.24 -21.38 10.66
CA GLN A 141 -16.59 -21.66 11.18
C GLN A 141 -16.63 -21.80 12.72
N THR A 142 -15.63 -22.48 13.31
CA THR A 142 -15.50 -22.58 14.77
CA THR A 142 -15.55 -22.56 14.78
C THR A 142 -15.33 -21.18 15.40
N THR A 143 -14.50 -20.35 14.75
CA THR A 143 -14.30 -18.97 15.21
C THR A 143 -15.62 -18.15 15.10
N LYS A 144 -16.32 -18.30 13.99
CA LYS A 144 -17.63 -17.68 13.80
C LYS A 144 -18.55 -18.01 14.98
N HIS A 145 -18.67 -19.29 15.31
CA HIS A 145 -19.52 -19.72 16.42
C HIS A 145 -19.12 -19.05 17.76
N LYS A 146 -17.82 -19.02 18.03
CA LYS A 146 -17.26 -18.35 19.22
C LYS A 146 -17.68 -16.86 19.29
N TRP A 147 -17.45 -16.15 18.20
CA TRP A 147 -17.72 -14.73 18.10
C TRP A 147 -19.22 -14.40 18.14
N GLU A 148 -20.05 -15.29 17.60
CA GLU A 148 -21.51 -15.15 17.70
C GLU A 148 -22.00 -15.27 19.15
N ALA A 149 -21.49 -16.26 19.87
CA ALA A 149 -21.85 -16.45 21.29
C ALA A 149 -21.41 -15.26 22.15
N ALA A 150 -20.30 -14.65 21.77
CA ALA A 150 -19.74 -13.53 22.51
C ALA A 150 -20.12 -12.14 21.98
N HIS A 151 -20.95 -12.09 20.94
CA HIS A 151 -21.48 -10.83 20.39
C HIS A 151 -20.40 -9.85 19.95
N VAL A 152 -19.37 -10.38 19.31
CA VAL A 152 -18.23 -9.60 18.84
C VAL A 152 -18.67 -8.60 17.77
N ALA A 153 -19.52 -9.05 16.85
CA ALA A 153 -20.03 -8.21 15.78
C ALA A 153 -20.70 -6.94 16.31
N GLU A 154 -21.43 -7.08 17.41
CA GLU A 154 -22.11 -5.96 18.04
C GLU A 154 -21.11 -4.90 18.51
N GLN A 155 -20.00 -5.36 19.10
CA GLN A 155 -18.96 -4.47 19.60
C GLN A 155 -18.27 -3.74 18.45
N LEU A 156 -17.95 -4.48 17.39
CA LEU A 156 -17.33 -3.88 16.21
C LEU A 156 -18.24 -2.87 15.53
N ARG A 157 -19.51 -3.23 15.34
CA ARG A 157 -20.48 -2.31 14.71
C ARG A 157 -20.52 -0.97 15.44
N ALA A 158 -20.56 -1.01 16.77
CA ALA A 158 -20.56 0.21 17.58
C ALA A 158 -19.30 1.06 17.32
N TYR A 159 -18.13 0.42 17.24
CA TYR A 159 -16.89 1.15 16.97
C TYR A 159 -16.91 1.74 15.55
N LEU A 160 -17.25 0.91 14.57
CA LEU A 160 -17.16 1.29 13.16
C LEU A 160 -18.14 2.42 12.77
N GLU A 161 -19.30 2.44 13.42
CA GLU A 161 -20.32 3.47 13.14
C GLU A 161 -20.20 4.68 14.05
N GLY A 162 -19.44 4.55 15.13
CA GLY A 162 -19.31 5.60 16.12
C GLY A 162 -17.93 6.22 16.18
N THR A 163 -17.09 5.63 17.02
CA THR A 163 -15.73 6.10 17.28
C THR A 163 -14.92 6.32 16.00
N CYS A 164 -14.99 5.35 15.10
CA CYS A 164 -14.23 5.36 13.86
C CYS A 164 -14.57 6.62 13.06
N VAL A 165 -15.86 6.82 12.82
CA VAL A 165 -16.40 7.97 12.11
C VAL A 165 -16.09 9.29 12.83
N GLU A 166 -16.26 9.29 14.14
CA GLU A 166 -15.99 10.47 14.97
C GLU A 166 -14.54 10.94 14.86
N TRP A 167 -13.62 9.99 14.99
CA TRP A 167 -12.20 10.30 14.97
C TRP A 167 -11.66 10.61 13.57
N LEU A 168 -12.20 9.97 12.54
CA LEU A 168 -11.90 10.35 11.15
C LEU A 168 -12.27 11.83 10.89
N ARG A 169 -13.46 12.24 11.35
CA ARG A 169 -13.91 13.63 11.21
C ARG A 169 -12.95 14.57 11.92
N ARG A 170 -12.56 14.19 13.14
CA ARG A 170 -11.56 14.93 13.91
C ARG A 170 -10.22 15.07 13.18
N TYR A 171 -9.70 13.96 12.66
CA TYR A 171 -8.46 13.97 11.87
C TYR A 171 -8.54 14.86 10.63
N LEU A 172 -9.64 14.74 9.89
CA LEU A 172 -9.85 15.53 8.67
C LEU A 172 -9.84 17.03 8.94
N GLU A 173 -10.44 17.44 10.05
CA GLU A 173 -10.41 18.85 10.48
C GLU A 173 -8.99 19.31 10.87
N ASN A 174 -8.32 18.55 11.75
CA ASN A 174 -6.97 18.91 12.18
C ASN A 174 -5.93 18.89 11.06
N GLY A 175 -6.11 17.99 10.09
CA GLY A 175 -5.17 17.88 8.97
C GLY A 175 -5.67 18.52 7.68
N LYS A 176 -6.63 19.43 7.80
CA LYS A 176 -7.32 19.97 6.63
C LYS A 176 -6.41 20.52 5.53
N GLU A 177 -5.31 21.15 5.91
CA GLU A 177 -4.41 21.79 4.95
C GLU A 177 -3.83 20.81 3.92
N THR A 178 -3.65 19.55 4.34
CA THR A 178 -3.20 18.49 3.45
C THR A 178 -4.30 17.48 3.14
N LEU A 179 -4.97 16.98 4.18
CA LEU A 179 -5.99 15.94 4.01
C LEU A 179 -7.15 16.33 3.10
N GLN A 180 -7.50 17.61 3.08
CA GLN A 180 -8.65 18.08 2.29
C GLN A 180 -8.23 18.84 1.03
N ARG A 181 -6.94 18.70 0.70
CA ARG A 181 -6.37 19.32 -0.48
C ARG A 181 -6.14 18.25 -1.54
N THR A 182 -6.45 18.56 -2.80
CA THR A 182 -6.15 17.68 -3.92
C THR A 182 -4.96 18.23 -4.67
N ASP A 183 -4.09 17.33 -5.12
CA ASP A 183 -2.97 17.70 -5.96
C ASP A 183 -3.19 17.10 -7.34
N ALA A 184 -3.35 17.96 -8.36
CA ALA A 184 -3.57 17.51 -9.74
C ALA A 184 -2.30 16.90 -10.31
N PRO A 185 -2.44 15.85 -11.14
CA PRO A 185 -1.28 15.25 -11.79
C PRO A 185 -0.57 16.24 -12.70
N LYS A 186 0.75 16.22 -12.65
CA LYS A 186 1.58 16.96 -13.56
C LYS A 186 1.89 16.01 -14.72
N THR A 187 1.40 16.35 -15.91
CA THR A 187 1.45 15.43 -17.04
C THR A 187 2.47 15.85 -18.11
N HIS A 188 3.07 14.86 -18.75
CA HIS A 188 3.85 15.03 -19.97
C HIS A 188 3.93 13.70 -20.73
N MET A 189 4.53 13.74 -21.92
CA MET A 189 4.62 12.59 -22.80
C MET A 189 6.04 12.42 -23.33
N THR A 190 6.53 11.18 -23.37
CA THR A 190 7.86 10.88 -23.94
C THR A 190 7.78 10.00 -25.19
N HIS A 191 8.82 10.02 -26.00
CA HIS A 191 8.88 9.28 -27.27
C HIS A 191 10.16 8.46 -27.38
N HIS A 192 10.04 7.21 -27.80
CA HIS A 192 11.20 6.37 -28.05
C HIS A 192 11.03 5.65 -29.39
N ALA A 193 12.11 5.57 -30.17
CA ALA A 193 12.10 4.79 -31.38
C ALA A 193 12.62 3.40 -31.07
N VAL A 194 11.84 2.38 -31.35
CA VAL A 194 12.34 1.01 -31.16
C VAL A 194 13.14 0.52 -32.37
N SER A 195 12.62 0.79 -33.57
CA SER A 195 13.33 0.54 -34.82
C SER A 195 12.92 1.62 -35.84
N ASP A 196 13.19 1.40 -37.13
CA ASP A 196 12.77 2.37 -38.14
C ASP A 196 11.26 2.34 -38.41
N HIS A 197 10.57 1.32 -37.89
CA HIS A 197 9.14 1.17 -38.14
C HIS A 197 8.23 1.53 -36.95
N GLU A 198 8.72 1.31 -35.73
CA GLU A 198 7.91 1.23 -34.51
C GLU A 198 8.30 2.35 -33.53
N ALA A 199 7.32 2.92 -32.80
CA ALA A 199 7.61 3.94 -31.79
C ALA A 199 6.83 3.72 -30.50
N THR A 200 7.41 4.09 -29.36
CA THR A 200 6.70 4.03 -28.07
C THR A 200 6.36 5.44 -27.60
N LEU A 201 5.08 5.66 -27.30
CA LEU A 201 4.64 6.89 -26.64
C LEU A 201 4.29 6.57 -25.19
N ARG A 202 4.83 7.34 -24.25
CA ARG A 202 4.56 7.11 -22.84
C ARG A 202 4.00 8.39 -22.25
N CYS A 203 2.82 8.26 -21.66
CA CYS A 203 2.10 9.34 -21.03
C CYS A 203 2.28 9.27 -19.52
N TRP A 204 2.82 10.34 -18.93
CA TRP A 204 3.19 10.39 -17.50
C TRP A 204 2.23 11.22 -16.66
N ALA A 205 1.92 10.73 -15.46
CA ALA A 205 1.22 11.50 -14.43
C ALA A 205 2.08 11.45 -13.17
N LEU A 206 2.44 12.64 -12.68
CA LEU A 206 3.29 12.76 -11.51
C LEU A 206 2.71 13.70 -10.47
N SER A 207 3.17 13.52 -9.23
CA SER A 207 2.94 14.44 -8.12
CA SER A 207 2.93 14.46 -8.13
C SER A 207 1.46 14.63 -7.77
N PHE A 208 0.67 13.55 -7.88
CA PHE A 208 -0.77 13.67 -7.61
C PHE A 208 -1.21 13.05 -6.27
N TYR A 209 -2.35 13.53 -5.76
CA TYR A 209 -2.95 13.04 -4.52
C TYR A 209 -4.44 13.39 -4.58
N PRO A 210 -5.34 12.43 -4.28
CA PRO A 210 -5.09 11.04 -3.82
C PRO A 210 -4.59 10.11 -4.92
N ALA A 211 -4.33 8.86 -4.55
CA ALA A 211 -3.78 7.84 -5.46
C ALA A 211 -4.67 7.48 -6.65
N GLU A 212 -6.00 7.53 -6.45
CA GLU A 212 -6.91 7.11 -7.53
CA GLU A 212 -6.96 7.17 -7.51
C GLU A 212 -6.77 7.98 -8.79
N ILE A 213 -6.62 7.30 -9.93
CA ILE A 213 -6.42 7.98 -11.22
C ILE A 213 -6.77 7.05 -12.40
N THR A 214 -7.19 7.65 -13.51
CA THR A 214 -7.36 6.92 -14.77
C THR A 214 -6.54 7.55 -15.90
N LEU A 215 -5.71 6.71 -16.54
CA LEU A 215 -4.95 7.10 -17.73
C LEU A 215 -5.29 6.14 -18.85
N THR A 216 -5.70 6.68 -20.00
CA THR A 216 -6.08 5.83 -21.14
C THR A 216 -5.55 6.42 -22.43
N TRP A 217 -5.43 5.58 -23.45
CA TRP A 217 -5.08 6.03 -24.80
C TRP A 217 -6.29 5.95 -25.75
N GLN A 218 -6.38 6.91 -26.66
CA GLN A 218 -7.31 6.83 -27.80
C GLN A 218 -6.55 6.92 -29.12
N ARG A 219 -7.09 6.26 -30.14
CA ARG A 219 -6.56 6.34 -31.52
C ARG A 219 -7.67 6.87 -32.40
N ASP A 220 -7.43 8.02 -33.05
CA ASP A 220 -8.45 8.66 -33.89
C ASP A 220 -9.78 8.81 -33.13
N GLY A 221 -9.71 9.03 -31.82
CA GLY A 221 -10.92 9.31 -31.04
C GLY A 221 -11.61 8.12 -30.38
N GLU A 222 -11.06 6.92 -30.55
CA GLU A 222 -11.63 5.72 -29.91
C GLU A 222 -10.64 5.00 -29.01
N ASP A 223 -11.13 4.41 -27.92
CA ASP A 223 -10.27 3.75 -26.94
C ASP A 223 -9.40 2.66 -27.54
N GLN A 224 -8.13 2.66 -27.13
CA GLN A 224 -7.19 1.64 -27.55
C GLN A 224 -6.53 0.98 -26.33
N THR A 225 -6.70 -0.34 -26.24
CA THR A 225 -6.08 -1.16 -25.19
C THR A 225 -4.96 -2.05 -25.74
N GLN A 226 -5.13 -2.55 -26.96
CA GLN A 226 -4.10 -3.35 -27.60
C GLN A 226 -2.78 -2.58 -27.78
N ASP A 227 -1.68 -3.29 -27.56
CA ASP A 227 -0.34 -2.71 -27.67
C ASP A 227 -0.09 -1.60 -26.64
N THR A 228 -0.77 -1.66 -25.50
CA THR A 228 -0.53 -0.70 -24.41
C THR A 228 -0.02 -1.39 -23.17
N GLU A 229 0.70 -0.63 -22.34
CA GLU A 229 1.22 -1.12 -21.08
C GLU A 229 0.96 -0.04 -20.01
N LEU A 230 0.30 -0.43 -18.92
CA LEU A 230 -0.07 0.49 -17.84
C LEU A 230 0.54 0.00 -16.52
N VAL A 231 1.45 0.78 -15.93
CA VAL A 231 2.09 0.36 -14.68
C VAL A 231 1.19 0.60 -13.47
N GLU A 232 1.45 -0.15 -12.40
CA GLU A 232 0.77 0.05 -11.12
C GLU A 232 1.12 1.43 -10.59
N THR A 233 0.14 2.12 -10.01
CA THR A 233 0.37 3.40 -9.34
C THR A 233 1.36 3.19 -8.19
N ARG A 234 2.33 4.09 -8.08
CA ARG A 234 3.47 3.90 -7.20
C ARG A 234 3.68 5.20 -6.38
N PRO A 235 4.12 5.05 -5.11
CA PRO A 235 4.43 6.20 -4.25
C PRO A 235 5.71 6.92 -4.68
N ALA A 236 5.67 8.24 -4.75
CA ALA A 236 6.86 9.05 -5.02
C ALA A 236 7.81 9.05 -3.81
N GLY A 237 7.25 8.94 -2.60
CA GLY A 237 8.05 8.98 -1.38
C GLY A 237 7.88 10.28 -0.58
N ASP A 238 7.21 11.27 -1.18
CA ASP A 238 6.93 12.55 -0.53
C ASP A 238 5.44 12.73 -0.19
N GLY A 239 4.68 11.63 -0.24
CA GLY A 239 3.24 11.68 0.01
C GLY A 239 2.39 11.67 -1.25
N THR A 240 3.00 11.94 -2.40
CA THR A 240 2.26 11.95 -3.67
C THR A 240 2.50 10.65 -4.46
N PHE A 241 1.81 10.51 -5.59
CA PHE A 241 1.84 9.26 -6.37
C PHE A 241 2.20 9.51 -7.83
N GLN A 242 2.57 8.42 -8.52
CA GLN A 242 3.04 8.46 -9.92
C GLN A 242 2.39 7.31 -10.69
N LYS A 243 2.25 7.49 -12.01
CA LYS A 243 1.77 6.43 -12.92
C LYS A 243 2.08 6.81 -14.37
N TRP A 244 2.20 5.79 -15.21
CA TRP A 244 2.30 6.02 -16.65
C TRP A 244 1.58 4.94 -17.45
N VAL A 245 1.27 5.27 -18.71
CA VAL A 245 0.71 4.32 -19.66
C VAL A 245 1.41 4.55 -21.00
N ALA A 246 1.76 3.48 -21.68
CA ALA A 246 2.50 3.59 -22.93
C ALA A 246 1.76 2.87 -24.05
N VAL A 247 1.96 3.32 -25.28
CA VAL A 247 1.39 2.66 -26.47
C VAL A 247 2.46 2.55 -27.53
N VAL A 248 2.46 1.43 -28.24
CA VAL A 248 3.35 1.20 -29.37
C VAL A 248 2.62 1.54 -30.68
N VAL A 249 3.27 2.35 -31.52
CA VAL A 249 2.64 2.85 -32.75
C VAL A 249 3.58 2.82 -33.97
N PRO A 250 2.99 2.79 -35.19
CA PRO A 250 3.82 2.91 -36.40
C PRO A 250 4.45 4.31 -36.48
N SER A 251 5.77 4.36 -36.72
CA SER A 251 6.47 5.65 -36.85
C SER A 251 5.78 6.51 -37.89
N GLY A 252 5.58 7.78 -37.52
CA GLY A 252 4.95 8.75 -38.39
C GLY A 252 3.47 8.94 -38.11
N GLN A 253 2.90 8.07 -37.29
CA GLN A 253 1.46 8.08 -37.04
C GLN A 253 1.13 8.55 -35.62
N GLU A 254 2.13 9.09 -34.93
CA GLU A 254 2.01 9.56 -33.55
C GLU A 254 0.81 10.48 -33.30
N GLN A 255 0.47 11.26 -34.33
CA GLN A 255 -0.59 12.28 -34.22
CA GLN A 255 -0.59 12.28 -34.23
C GLN A 255 -2.00 11.70 -34.04
N ARG A 256 -2.18 10.43 -34.38
CA ARG A 256 -3.49 9.78 -34.24
C ARG A 256 -3.84 9.48 -32.79
N TYR A 257 -2.84 9.56 -31.91
CA TYR A 257 -2.94 9.02 -30.55
C TYR A 257 -3.00 10.13 -29.51
N THR A 258 -3.96 10.01 -28.60
CA THR A 258 -4.11 10.97 -27.52
C THR A 258 -4.22 10.25 -26.18
N CYS A 259 -3.59 10.86 -25.16
CA CYS A 259 -3.67 10.37 -23.78
C CYS A 259 -4.70 11.18 -22.98
N HIS A 260 -5.50 10.50 -22.16
CA HIS A 260 -6.58 11.12 -21.39
C HIS A 260 -6.43 10.82 -19.90
N VAL A 261 -6.51 11.88 -19.09
CA VAL A 261 -6.24 11.80 -17.66
C VAL A 261 -7.48 12.22 -16.85
N GLN A 262 -7.99 11.32 -16.01
CA GLN A 262 -9.05 11.64 -15.05
C GLN A 262 -8.46 11.65 -13.64
N HIS A 263 -8.79 12.68 -12.85
CA HIS A 263 -8.36 12.75 -11.44
C HIS A 263 -9.25 13.75 -10.69
N GLU A 264 -9.51 13.51 -9.42
CA GLU A 264 -10.37 14.42 -8.64
C GLU A 264 -9.86 15.86 -8.55
N GLY A 265 -8.56 16.07 -8.73
CA GLY A 265 -7.96 17.40 -8.71
C GLY A 265 -8.08 18.16 -10.03
N LEU A 266 -8.72 17.53 -11.01
CA LEU A 266 -8.97 18.14 -12.32
C LEU A 266 -10.48 18.24 -12.51
N PRO A 267 -11.01 19.49 -12.61
CA PRO A 267 -12.45 19.69 -12.85
C PRO A 267 -12.87 19.08 -14.19
N LYS A 268 -11.99 19.23 -15.18
CA LYS A 268 -12.14 18.67 -16.52
C LYS A 268 -11.07 17.60 -16.74
N PRO A 269 -11.43 16.44 -17.33
CA PRO A 269 -10.34 15.55 -17.76
C PRO A 269 -9.47 16.21 -18.85
N LEU A 270 -8.19 15.86 -18.87
CA LEU A 270 -7.18 16.51 -19.69
C LEU A 270 -6.72 15.60 -20.84
N THR A 271 -6.32 16.21 -21.95
CA THR A 271 -5.82 15.50 -23.14
C THR A 271 -4.39 15.92 -23.48
N LEU A 272 -3.56 14.94 -23.84
CA LEU A 272 -2.18 15.21 -24.29
C LEU A 272 -1.93 14.56 -25.65
N ARG A 273 -0.99 15.16 -26.40
CA ARG A 273 -0.60 14.71 -27.75
C ARG A 273 0.92 14.85 -27.91
N TRP A 274 1.52 14.04 -28.79
CA TRP A 274 2.94 14.20 -29.10
C TRP A 274 3.15 15.41 -30.02
N GLU A 275 4.31 16.06 -29.89
CA GLU A 275 4.67 17.30 -30.61
C GLU A 275 3.74 18.45 -30.21
N MET B 1 1.33 -23.58 1.42
CA MET B 1 1.48 -22.11 1.57
C MET B 1 1.42 -21.42 0.21
N ILE B 2 0.55 -20.42 0.08
CA ILE B 2 0.53 -19.55 -1.11
C ILE B 2 1.87 -18.80 -1.22
N GLN B 3 2.39 -18.73 -2.43
CA GLN B 3 3.59 -17.94 -2.66
C GLN B 3 3.42 -17.05 -3.88
N ARG B 4 3.62 -15.75 -3.67
CA ARG B 4 3.44 -14.74 -4.72
C ARG B 4 4.75 -13.99 -4.92
N THR B 5 5.15 -13.84 -6.19
CA THR B 5 6.43 -13.22 -6.55
CA THR B 5 6.43 -13.23 -6.53
C THR B 5 6.31 -11.69 -6.61
N PRO B 6 7.34 -10.97 -6.15
CA PRO B 6 7.18 -9.51 -6.17
C PRO B 6 7.31 -8.86 -7.55
N LYS B 7 6.48 -7.86 -7.80
CA LYS B 7 6.68 -6.95 -8.91
C LYS B 7 7.62 -5.86 -8.44
N ILE B 8 8.42 -5.34 -9.35
CA ILE B 8 9.44 -4.36 -9.02
C ILE B 8 9.36 -3.17 -9.97
N GLN B 9 9.35 -1.95 -9.42
CA GLN B 9 9.68 -0.74 -10.20
C GLN B 9 10.80 0.06 -9.52
N VAL B 10 11.71 0.58 -10.35
CA VAL B 10 12.84 1.42 -9.91
CA VAL B 10 12.81 1.43 -9.89
C VAL B 10 12.74 2.77 -10.62
N TYR B 11 12.86 3.85 -9.86
CA TYR B 11 12.53 5.19 -10.38
C TYR B 11 12.94 6.27 -9.38
N SER B 12 13.00 7.52 -9.85
CA SER B 12 13.32 8.64 -8.97
C SER B 12 12.06 9.34 -8.42
N ARG B 13 12.20 9.97 -7.26
CA ARG B 13 11.11 10.70 -6.61
C ARG B 13 10.70 11.91 -7.44
N HIS B 14 11.71 12.64 -7.92
CA HIS B 14 11.53 13.84 -8.74
C HIS B 14 12.17 13.64 -10.10
N PRO B 15 11.82 14.49 -11.10
CA PRO B 15 12.46 14.38 -12.42
C PRO B 15 13.99 14.42 -12.31
N ALA B 16 14.67 13.54 -13.02
CA ALA B 16 16.10 13.33 -12.83
C ALA B 16 16.94 14.33 -13.63
N GLU B 17 17.79 15.08 -12.93
CA GLU B 17 18.75 15.97 -13.59
C GLU B 17 20.13 15.85 -12.92
N ASN B 18 21.18 15.74 -13.71
CA ASN B 18 22.54 15.58 -13.18
C ASN B 18 22.95 16.76 -12.32
N GLY B 19 23.63 16.46 -11.21
CA GLY B 19 24.08 17.49 -10.28
C GLY B 19 23.03 17.96 -9.29
N LYS B 20 21.81 17.43 -9.42
CA LYS B 20 20.72 17.88 -8.57
C LYS B 20 20.18 16.75 -7.69
N SER B 21 20.29 16.96 -6.37
CA SER B 21 19.93 15.99 -5.34
C SER B 21 18.49 15.47 -5.52
N ASN B 22 18.26 14.21 -5.16
CA ASN B 22 17.03 13.50 -5.54
C ASN B 22 16.96 12.21 -4.70
N PHE B 23 15.93 11.41 -4.89
CA PHE B 23 15.80 10.12 -4.21
C PHE B 23 15.61 8.95 -5.19
N LEU B 24 16.37 7.88 -4.99
CA LEU B 24 16.18 6.66 -5.79
C LEU B 24 15.27 5.69 -5.04
N ASN B 25 14.21 5.25 -5.72
CA ASN B 25 13.17 4.39 -5.15
C ASN B 25 13.20 2.99 -5.73
N CYS B 26 12.93 1.98 -4.90
CA CYS B 26 12.62 0.64 -5.39
C CYS B 26 11.33 0.18 -4.72
N TYR B 27 10.28 0.07 -5.51
CA TYR B 27 8.96 -0.28 -5.01
C TYR B 27 8.72 -1.75 -5.29
N VAL B 28 8.46 -2.52 -4.24
CA VAL B 28 8.21 -3.95 -4.38
C VAL B 28 6.81 -4.25 -3.90
N SER B 29 6.05 -5.01 -4.68
CA SER B 29 4.65 -5.26 -4.36
C SER B 29 4.14 -6.60 -4.88
N GLY B 30 2.93 -6.96 -4.44
CA GLY B 30 2.27 -8.19 -4.89
C GLY B 30 2.88 -9.49 -4.37
N PHE B 31 3.72 -9.40 -3.35
CA PHE B 31 4.41 -10.60 -2.85
C PHE B 31 3.82 -11.21 -1.56
N HIS B 32 4.12 -12.49 -1.36
CA HIS B 32 3.77 -13.24 -0.15
C HIS B 32 4.62 -14.51 -0.14
N PRO B 33 5.22 -14.86 1.02
CA PRO B 33 5.21 -14.21 2.34
C PRO B 33 5.98 -12.87 2.41
N SER B 34 5.99 -12.23 3.58
CA SER B 34 6.57 -10.87 3.73
C SER B 34 8.09 -10.76 3.79
N ASP B 35 8.79 -11.83 4.13
CA ASP B 35 10.25 -11.80 4.16
C ASP B 35 10.77 -11.53 2.75
N ILE B 36 11.58 -10.49 2.61
CA ILE B 36 12.11 -10.08 1.30
C ILE B 36 13.45 -9.38 1.51
N GLU B 37 14.36 -9.55 0.54
CA GLU B 37 15.67 -8.84 0.56
C GLU B 37 15.72 -7.82 -0.58
N VAL B 38 15.93 -6.54 -0.25
CA VAL B 38 16.00 -5.49 -1.27
C VAL B 38 17.24 -4.63 -1.08
N ASP B 39 18.05 -4.56 -2.14
CA ASP B 39 19.22 -3.70 -2.18
C ASP B 39 19.13 -2.70 -3.32
N LEU B 40 19.58 -1.46 -3.07
CA LEU B 40 19.85 -0.51 -4.14
C LEU B 40 21.34 -0.58 -4.46
N LEU B 41 21.66 -0.57 -5.76
CA LEU B 41 23.03 -0.73 -6.26
C LEU B 41 23.51 0.50 -7.05
N LYS B 42 24.74 0.94 -6.77
CA LYS B 42 25.42 1.99 -7.53
C LYS B 42 26.63 1.38 -8.26
N ASN B 43 26.56 1.34 -9.59
CA ASN B 43 27.58 0.68 -10.41
C ASN B 43 27.89 -0.77 -9.97
N GLY B 44 26.84 -1.50 -9.61
CA GLY B 44 26.95 -2.91 -9.20
C GLY B 44 27.16 -3.15 -7.72
N GLU B 45 27.45 -2.09 -6.98
CA GLU B 45 27.82 -2.18 -5.57
C GLU B 45 26.68 -1.77 -4.65
N ARG B 46 26.48 -2.54 -3.58
CA ARG B 46 25.39 -2.28 -2.64
C ARG B 46 25.52 -0.94 -1.91
N ILE B 47 24.48 -0.12 -1.98
CA ILE B 47 24.41 1.16 -1.24
C ILE B 47 24.04 0.90 0.22
N GLU B 48 24.78 1.51 1.15
CA GLU B 48 24.63 1.23 2.58
C GLU B 48 23.47 1.97 3.26
N LYS B 49 23.26 3.22 2.89
CA LYS B 49 22.25 4.04 3.56
C LYS B 49 20.88 3.97 2.87
N VAL B 50 20.15 2.87 3.10
CA VAL B 50 18.84 2.67 2.46
C VAL B 50 17.72 2.48 3.50
N GLU B 51 16.67 3.30 3.40
CA GLU B 51 15.53 3.19 4.31
C GLU B 51 14.36 2.51 3.62
N HIS B 52 13.39 2.02 4.40
CA HIS B 52 12.17 1.47 3.81
C HIS B 52 10.92 1.83 4.60
N SER B 53 9.78 1.78 3.92
CA SER B 53 8.48 2.06 4.52
C SER B 53 8.09 0.93 5.47
N ASP B 54 7.09 1.19 6.32
CA ASP B 54 6.51 0.18 7.18
C ASP B 54 5.63 -0.76 6.36
N LEU B 55 5.79 -2.06 6.61
CA LEU B 55 5.05 -3.12 5.91
C LEU B 55 3.54 -2.94 5.95
N SER B 56 2.94 -3.01 4.77
CA SER B 56 1.49 -2.94 4.61
C SER B 56 1.07 -3.87 3.46
N PHE B 57 -0.22 -3.93 3.19
CA PHE B 57 -0.72 -4.89 2.19
C PHE B 57 -1.97 -4.38 1.47
N SER B 58 -2.20 -4.95 0.28
CA SER B 58 -3.36 -4.61 -0.55
CA SER B 58 -3.37 -4.60 -0.52
C SER B 58 -4.55 -5.48 -0.14
N LYS B 59 -5.69 -5.24 -0.77
CA LYS B 59 -6.94 -5.98 -0.57
C LYS B 59 -6.82 -7.49 -0.69
N ASP B 60 -6.03 -7.95 -1.67
CA ASP B 60 -5.83 -9.37 -1.89
C ASP B 60 -4.80 -9.97 -0.94
N TRP B 61 -4.37 -9.17 0.03
CA TRP B 61 -3.44 -9.56 1.10
C TRP B 61 -1.97 -9.57 0.73
N SER B 62 -1.63 -9.22 -0.53
CA SER B 62 -0.22 -9.18 -0.90
C SER B 62 0.48 -7.93 -0.34
N PHE B 63 1.76 -8.04 -0.04
CA PHE B 63 2.51 -7.00 0.65
C PHE B 63 3.16 -6.05 -0.32
N TYR B 64 3.47 -4.84 0.15
CA TYR B 64 4.24 -3.86 -0.63
C TYR B 64 5.17 -3.08 0.29
N LEU B 65 6.33 -2.70 -0.25
CA LEU B 65 7.30 -1.87 0.50
C LEU B 65 7.99 -0.94 -0.46
N LEU B 66 8.34 0.24 0.04
CA LEU B 66 9.16 1.18 -0.72
C LEU B 66 10.54 1.27 -0.07
N TYR B 67 11.59 0.99 -0.84
CA TYR B 67 12.95 1.20 -0.39
C TYR B 67 13.49 2.46 -1.08
N TYR B 68 14.26 3.27 -0.35
CA TYR B 68 14.71 4.56 -0.90
C TYR B 68 15.99 5.08 -0.31
N THR B 69 16.73 5.81 -1.14
CA THR B 69 17.97 6.46 -0.70
C THR B 69 18.18 7.80 -1.43
N GLU B 70 18.80 8.74 -0.74
CA GLU B 70 19.18 10.02 -1.32
C GLU B 70 20.32 9.80 -2.30
N PHE B 71 20.24 10.44 -3.45
CA PHE B 71 21.30 10.36 -4.46
C PHE B 71 21.36 11.59 -5.36
N THR B 72 22.54 11.86 -5.89
CA THR B 72 22.73 12.87 -6.91
C THR B 72 23.12 12.20 -8.23
N PRO B 73 22.19 12.18 -9.20
CA PRO B 73 22.51 11.56 -10.49
C PRO B 73 23.71 12.23 -11.19
N THR B 74 24.48 11.44 -11.92
CA THR B 74 25.53 11.92 -12.82
C THR B 74 25.30 11.25 -14.16
N GLU B 75 26.03 11.66 -15.20
CA GLU B 75 25.89 11.03 -16.52
C GLU B 75 26.39 9.58 -16.50
N LYS B 76 27.47 9.35 -15.77
CA LYS B 76 28.22 8.09 -15.82
C LYS B 76 27.66 6.98 -14.91
N ASP B 77 27.05 7.37 -13.79
CA ASP B 77 26.67 6.40 -12.76
C ASP B 77 25.43 5.61 -13.15
N GLU B 78 25.51 4.29 -13.01
CA GLU B 78 24.38 3.39 -13.26
C GLU B 78 23.78 2.86 -11.96
N TYR B 79 22.45 2.87 -11.87
CA TYR B 79 21.75 2.46 -10.64
C TYR B 79 20.77 1.33 -10.92
N ALA B 80 20.51 0.52 -9.89
CA ALA B 80 19.64 -0.65 -10.02
C ALA B 80 19.05 -1.08 -8.67
N CYS B 81 18.09 -1.98 -8.72
CA CYS B 81 17.51 -2.59 -7.53
C CYS B 81 17.61 -4.10 -7.63
N ARG B 82 18.11 -4.73 -6.57
CA ARG B 82 18.31 -6.18 -6.53
C ARG B 82 17.39 -6.78 -5.48
N VAL B 83 16.53 -7.70 -5.92
CA VAL B 83 15.50 -8.29 -5.07
C VAL B 83 15.66 -9.81 -4.96
N ASN B 84 15.69 -10.32 -3.72
CA ASN B 84 15.51 -11.77 -3.48
C ASN B 84 14.32 -12.11 -2.58
N HIS B 85 13.67 -13.23 -2.90
CA HIS B 85 12.44 -13.68 -2.25
C HIS B 85 12.37 -15.20 -2.40
N VAL B 86 11.54 -15.86 -1.58
CA VAL B 86 11.43 -17.33 -1.64
C VAL B 86 11.01 -17.84 -3.03
N THR B 87 10.22 -17.03 -3.73
CA THR B 87 9.72 -17.38 -5.06
C THR B 87 10.78 -17.24 -6.17
N LEU B 88 11.95 -16.70 -5.84
CA LEU B 88 12.99 -16.44 -6.85
C LEU B 88 14.19 -17.37 -6.69
N SER B 89 14.60 -17.98 -7.79
CA SER B 89 15.77 -18.88 -7.85
C SER B 89 17.08 -18.11 -7.82
N GLN B 90 17.10 -16.98 -8.52
CA GLN B 90 18.24 -16.08 -8.55
C GLN B 90 17.70 -14.70 -8.18
N PRO B 91 18.52 -13.86 -7.52
CA PRO B 91 18.06 -12.47 -7.31
C PRO B 91 17.70 -11.81 -8.64
N LYS B 92 16.61 -11.03 -8.65
CA LYS B 92 16.22 -10.29 -9.84
C LYS B 92 16.77 -8.86 -9.77
N ILE B 93 17.43 -8.44 -10.83
CA ILE B 93 18.00 -7.10 -10.94
C ILE B 93 17.25 -6.27 -11.97
N VAL B 94 16.78 -5.10 -11.56
CA VAL B 94 16.10 -4.17 -12.46
C VAL B 94 16.89 -2.88 -12.49
N LYS B 95 17.31 -2.46 -13.69
CA LYS B 95 18.07 -1.22 -13.86
C LYS B 95 17.16 0.02 -13.86
N TRP B 96 17.65 1.10 -13.25
CA TRP B 96 17.01 2.39 -13.36
C TRP B 96 17.19 2.94 -14.78
N ASP B 97 16.08 3.24 -15.43
CA ASP B 97 16.10 3.83 -16.77
C ASP B 97 15.50 5.22 -16.66
N ARG B 98 16.35 6.23 -16.70
CA ARG B 98 15.93 7.63 -16.56
C ARG B 98 15.24 8.19 -17.81
N ASP B 99 15.54 7.61 -18.97
CA ASP B 99 14.96 8.07 -20.24
C ASP B 99 13.52 7.60 -20.49
N MET B 100 13.03 6.72 -19.62
CA MET B 100 11.66 6.18 -19.71
C MET B 100 10.60 7.27 -19.89
N ASN C 1 -7.81 6.25 15.69
CA ASN C 1 -8.17 5.76 17.05
C ASN C 1 -8.58 4.29 16.99
N LEU C 2 -7.75 3.43 17.57
CA LEU C 2 -7.92 1.98 17.46
C LEU C 2 -9.14 1.46 18.22
N VAL C 3 -9.68 0.33 17.75
CA VAL C 3 -10.74 -0.38 18.47
C VAL C 3 -10.25 -0.80 19.86
N PRO C 4 -11.09 -0.62 20.90
CA PRO C 4 -10.66 -0.87 22.28
C PRO C 4 -10.42 -2.33 22.65
N GLN C 5 -10.99 -3.27 21.89
CA GLN C 5 -10.85 -4.69 22.18
C GLN C 5 -10.72 -5.47 20.88
N VAL C 6 -9.92 -6.53 20.89
CA VAL C 6 -9.77 -7.42 19.76
C VAL C 6 -9.94 -8.86 20.22
N ALA C 7 -11.03 -9.52 19.79
CA ALA C 7 -11.27 -10.91 20.17
C ALA C 7 -10.32 -11.89 19.48
N THR C 8 -9.91 -12.93 20.21
CA THR C 8 -9.04 -13.96 19.65
CA THR C 8 -9.04 -14.00 19.69
C THR C 8 -9.84 -15.00 18.85
N VAL C 9 -9.20 -15.61 17.86
CA VAL C 9 -9.89 -16.62 17.00
C VAL C 9 -10.18 -17.97 17.67
#